data_1R1S
#
_entry.id   1R1S
#
_cell.length_a   50.637
_cell.length_b   117.937
_cell.length_c   50.594
_cell.angle_alpha   90.00
_cell.angle_beta   108.92
_cell.angle_gamma   90.00
#
_symmetry.space_group_name_H-M   'P 1 21 1'
#
loop_
_entity.id
_entity.type
_entity.pdbx_description
1 polymer 'GRB2-related adaptor protein 2'
2 polymer 'LAT pY226 peptide'
3 non-polymer 'SULFATE ION'
4 water water
#
loop_
_entity_poly.entity_id
_entity_poly.type
_entity_poly.pdbx_seq_one_letter_code
_entity_poly.pdbx_strand_id
1 'polypeptide(L)'
;GSFIDIEFPEWFHEGLSRHQAENLLMGKDIGFFIIRASQSSPGDFSISVRHEDDVQHFKVMRDTKGNYFLWTEKFPSLNK
LVDYYRTTSISKQKQVFLRD
;
A,C,E,G
2 'polypeptide(L)' (ACE)PD(PTR)ENL B,D,F,H
#
# COMPACT_ATOMS: atom_id res chain seq x y z
N ASP A 5 -3.30 -13.43 8.45
CA ASP A 5 -4.61 -13.38 7.68
C ASP A 5 -5.13 -11.95 7.68
N ILE A 6 -4.28 -11.09 7.24
CA ILE A 6 -4.53 -9.71 7.44
C ILE A 6 -5.04 -8.88 6.21
N GLU A 7 -5.27 -9.46 5.00
CA GLU A 7 -5.57 -8.54 3.90
C GLU A 7 -6.85 -7.72 4.17
N PHE A 8 -6.80 -6.49 3.68
CA PHE A 8 -7.93 -5.60 3.81
C PHE A 8 -9.11 -6.11 2.92
N PRO A 9 -10.30 -5.78 3.31
CA PRO A 9 -11.49 -5.98 2.46
C PRO A 9 -11.31 -5.19 1.17
N GLU A 10 -11.87 -5.73 0.10
CA GLU A 10 -11.80 -5.16 -1.25
C GLU A 10 -12.33 -3.74 -1.37
N TRP A 11 -13.25 -3.38 -0.47
CA TRP A 11 -13.75 -1.99 -0.35
C TRP A 11 -13.12 -1.03 0.65
N PHE A 12 -12.05 -1.47 1.30
CA PHE A 12 -11.32 -0.64 2.19
C PHE A 12 -10.15 -0.10 1.36
N HIS A 13 -10.17 1.21 1.08
CA HIS A 13 -9.11 1.86 0.38
C HIS A 13 -8.58 3.04 1.26
N GLU A 14 -7.55 2.80 1.97
CA GLU A 14 -7.05 3.74 2.99
C GLU A 14 -6.73 5.16 2.59
N GLY A 15 -6.29 5.32 1.37
CA GLY A 15 -5.72 6.58 0.90
C GLY A 15 -6.72 7.39 0.07
N LEU A 16 -7.92 6.85 -0.23
CA LEU A 16 -8.86 7.40 -1.24
C LEU A 16 -9.40 8.67 -0.69
N SER A 17 -9.40 9.74 -1.45
CA SER A 17 -10.07 10.94 -0.95
C SER A 17 -11.61 10.92 -0.94
N ARG A 18 -12.19 11.88 -0.24
CA ARG A 18 -13.66 12.13 -0.30
C ARG A 18 -14.19 12.27 -1.73
N HIS A 19 -13.45 13.00 -2.52
CA HIS A 19 -13.85 13.38 -3.89
C HIS A 19 -13.68 12.17 -4.74
N GLN A 20 -12.56 11.42 -4.61
CA GLN A 20 -12.34 10.12 -5.32
C GLN A 20 -13.35 9.15 -4.89
N ALA A 21 -13.74 9.17 -3.60
CA ALA A 21 -14.80 8.18 -3.21
C ALA A 21 -16.18 8.45 -3.88
N GLU A 22 -16.59 9.74 -3.95
CA GLU A 22 -17.78 10.12 -4.69
C GLU A 22 -17.75 9.80 -6.19
N ASN A 23 -16.72 10.29 -6.93
CA ASN A 23 -16.52 9.74 -8.27
C ASN A 23 -16.59 8.18 -8.50
N LEU A 24 -15.92 7.38 -7.70
CA LEU A 24 -16.03 5.90 -7.77
C LEU A 24 -17.45 5.42 -7.64
N LEU A 25 -18.08 5.83 -6.51
CA LEU A 25 -19.30 5.19 -6.16
C LEU A 25 -20.51 5.73 -7.03
N MET A 26 -20.36 6.93 -7.61
CA MET A 26 -21.33 7.27 -8.66
C MET A 26 -21.45 6.26 -9.74
N GLY A 27 -20.42 5.48 -10.06
CA GLY A 27 -20.46 4.44 -11.06
C GLY A 27 -20.95 3.11 -10.53
N LYS A 28 -21.43 3.04 -9.31
CA LYS A 28 -22.02 1.82 -8.72
C LYS A 28 -23.48 2.14 -8.29
N ASP A 29 -24.19 1.14 -7.85
CA ASP A 29 -25.60 1.20 -7.58
C ASP A 29 -25.78 1.54 -6.14
N ILE A 30 -27.00 1.95 -5.77
CA ILE A 30 -27.34 2.23 -4.37
C ILE A 30 -26.83 1.14 -3.34
N GLY A 31 -26.23 1.60 -2.28
CA GLY A 31 -25.82 0.79 -1.19
C GLY A 31 -24.35 0.46 -1.26
N PHE A 32 -23.74 0.48 -2.49
CA PHE A 32 -22.31 0.22 -2.64
C PHE A 32 -21.50 1.24 -1.87
N PHE A 33 -20.37 0.82 -1.37
CA PHE A 33 -19.72 1.67 -0.39
C PHE A 33 -18.23 1.44 -0.33
N ILE A 34 -17.48 2.43 0.24
CA ILE A 34 -16.11 2.13 0.56
C ILE A 34 -15.84 2.69 1.95
N ILE A 35 -14.71 2.32 2.53
CA ILE A 35 -14.17 2.88 3.73
C ILE A 35 -12.78 3.43 3.41
N ARG A 36 -12.48 4.61 3.93
CA ARG A 36 -11.21 5.32 3.63
C ARG A 36 -10.80 5.93 4.98
N ALA A 37 -9.50 6.20 5.07
CA ALA A 37 -9.01 7.04 6.14
C ALA A 37 -9.60 8.40 5.83
N SER A 38 -10.20 9.00 6.82
CA SER A 38 -10.70 10.37 6.78
C SER A 38 -9.63 11.41 6.32
N GLN A 39 -10.07 12.33 5.47
CA GLN A 39 -9.10 13.37 4.93
C GLN A 39 -9.16 14.63 5.79
N SER A 40 -10.36 15.02 6.19
CA SER A 40 -10.57 16.31 6.96
C SER A 40 -10.22 16.15 8.45
N SER A 41 -10.27 14.90 8.94
CA SER A 41 -9.80 14.61 10.29
C SER A 41 -8.85 13.50 10.34
N PRO A 42 -7.55 13.86 10.35
CA PRO A 42 -6.50 12.86 10.44
C PRO A 42 -6.58 11.94 11.63
N GLY A 43 -6.47 10.65 11.37
CA GLY A 43 -6.74 9.63 12.35
C GLY A 43 -8.16 9.08 12.39
N ASP A 44 -9.14 9.79 11.86
CA ASP A 44 -10.48 9.19 11.69
C ASP A 44 -10.57 8.25 10.44
N PHE A 45 -11.68 7.53 10.38
CA PHE A 45 -12.08 6.80 9.17
C PHE A 45 -13.47 7.26 8.75
N SER A 46 -13.79 7.12 7.44
CA SER A 46 -15.03 7.46 6.79
C SER A 46 -15.57 6.33 5.85
N ILE A 47 -16.86 6.15 5.83
CA ILE A 47 -17.68 5.26 4.93
C ILE A 47 -18.42 6.20 4.02
N SER A 48 -18.18 6.00 2.73
CA SER A 48 -18.83 6.72 1.70
C SER A 48 -19.76 5.72 1.03
N VAL A 49 -20.97 6.18 0.80
CA VAL A 49 -21.96 5.22 0.42
C VAL A 49 -22.77 5.80 -0.72
N ARG A 50 -23.07 4.93 -1.69
CA ARG A 50 -23.85 5.49 -2.81
C ARG A 50 -25.31 5.62 -2.40
N HIS A 51 -25.91 6.76 -2.55
CA HIS A 51 -27.36 6.88 -2.22
C HIS A 51 -28.01 7.05 -3.63
N GLU A 52 -29.22 7.62 -3.72
CA GLU A 52 -29.96 7.49 -4.96
C GLU A 52 -29.40 8.25 -6.09
N ASP A 53 -29.20 9.51 -5.80
CA ASP A 53 -28.79 10.43 -6.77
C ASP A 53 -27.36 10.91 -6.44
N ASP A 54 -26.78 10.41 -5.34
CA ASP A 54 -25.47 11.00 -4.86
C ASP A 54 -24.74 10.10 -3.88
N VAL A 55 -23.60 10.56 -3.33
CA VAL A 55 -22.82 9.77 -2.43
C VAL A 55 -22.72 10.52 -1.08
N GLN A 56 -23.06 9.88 0.03
CA GLN A 56 -23.03 10.59 1.33
C GLN A 56 -22.02 9.91 2.17
N HIS A 57 -21.54 10.52 3.28
CA HIS A 57 -20.39 10.15 4.04
C HIS A 57 -20.61 10.13 5.52
N PHE A 58 -20.08 9.11 6.13
CA PHE A 58 -20.38 8.87 7.58
C PHE A 58 -19.09 8.74 8.30
N LYS A 59 -19.05 9.31 9.51
CA LYS A 59 -17.89 9.33 10.28
C LYS A 59 -17.91 8.10 11.23
N VAL A 60 -16.82 7.36 11.21
CA VAL A 60 -16.70 6.18 12.08
C VAL A 60 -16.34 6.70 13.47
N MET A 61 -17.23 6.44 14.41
CA MET A 61 -17.08 6.86 15.83
C MET A 61 -16.45 5.74 16.65
N ARG A 62 -15.59 6.10 17.65
CA ARG A 62 -14.98 5.20 18.54
C ARG A 62 -15.13 5.58 19.97
N ASP A 63 -15.07 4.59 20.86
CA ASP A 63 -14.94 4.84 22.27
C ASP A 63 -13.64 4.27 22.92
N THR A 64 -13.46 4.52 24.19
CA THR A 64 -12.23 4.08 24.82
C THR A 64 -12.01 2.61 24.90
N LYS A 65 -13.06 1.79 24.93
CA LYS A 65 -12.87 0.36 24.86
C LYS A 65 -12.60 -0.10 23.41
N GLY A 66 -12.61 0.81 22.44
CA GLY A 66 -12.28 0.45 21.07
C GLY A 66 -13.43 -0.02 20.21
N ASN A 67 -14.65 0.10 20.69
CA ASN A 67 -15.78 -0.10 19.81
C ASN A 67 -15.83 0.86 18.66
N TYR A 68 -16.57 0.42 17.65
CA TYR A 68 -16.91 1.18 16.49
C TYR A 68 -18.39 1.44 16.45
N PHE A 69 -18.87 2.61 16.08
CA PHE A 69 -20.28 2.78 15.93
C PHE A 69 -20.52 4.02 14.95
N LEU A 70 -21.69 4.13 14.32
CA LEU A 70 -22.05 5.35 13.57
C LEU A 70 -23.21 6.10 14.20
N TRP A 71 -24.10 5.40 14.86
CA TRP A 71 -25.40 5.98 15.31
C TRP A 71 -25.40 5.52 16.66
N THR A 72 -26.02 4.36 16.94
CA THR A 72 -26.30 3.96 18.32
C THR A 72 -25.60 2.72 18.78
N GLU A 73 -25.86 1.65 18.07
CA GLU A 73 -25.38 0.28 18.29
C GLU A 73 -23.91 0.21 18.14
N LYS A 74 -23.22 -0.61 18.95
CA LYS A 74 -21.78 -0.53 18.99
C LYS A 74 -21.28 -1.89 18.49
N PHE A 75 -20.08 -1.88 17.90
CA PHE A 75 -19.48 -3.10 17.32
C PHE A 75 -17.99 -3.29 17.70
N PRO A 76 -17.51 -4.54 17.94
CA PRO A 76 -16.12 -4.76 18.22
C PRO A 76 -15.20 -4.64 17.05
N SER A 77 -15.67 -4.62 15.83
CA SER A 77 -14.87 -4.41 14.68
C SER A 77 -15.65 -3.67 13.59
N LEU A 78 -14.86 -2.94 12.75
CA LEU A 78 -15.30 -2.39 11.47
C LEU A 78 -16.09 -3.40 10.63
N ASN A 79 -15.62 -4.64 10.37
CA ASN A 79 -16.46 -5.61 9.61
C ASN A 79 -17.87 -5.94 10.20
N LYS A 80 -17.99 -5.96 11.54
CA LYS A 80 -19.27 -6.31 12.19
C LYS A 80 -20.20 -5.07 12.04
N LEU A 81 -19.60 -3.87 12.00
CA LEU A 81 -20.36 -2.62 11.83
C LEU A 81 -20.92 -2.78 10.38
N VAL A 82 -20.10 -3.27 9.48
CA VAL A 82 -20.51 -3.22 8.07
C VAL A 82 -21.71 -4.11 7.93
N ASP A 83 -21.64 -5.25 8.57
CA ASP A 83 -22.47 -6.35 8.31
C ASP A 83 -23.85 -6.01 8.86
N TYR A 84 -23.85 -5.35 9.98
CA TYR A 84 -25.09 -4.85 10.55
C TYR A 84 -25.83 -3.88 9.82
N TYR A 85 -25.06 -3.05 9.03
CA TYR A 85 -25.71 -2.05 8.10
C TYR A 85 -26.04 -2.66 6.71
N ARG A 86 -25.90 -3.97 6.58
CA ARG A 86 -26.47 -4.67 5.45
C ARG A 86 -27.98 -4.89 5.70
N THR A 87 -28.38 -4.91 6.96
CA THR A 87 -29.86 -4.99 7.19
C THR A 87 -30.56 -4.04 8.13
N THR A 88 -29.86 -3.01 8.54
CA THR A 88 -30.41 -1.91 9.20
C THR A 88 -29.91 -0.78 8.39
N SER A 89 -30.76 0.20 8.07
CA SER A 89 -30.38 1.25 7.17
C SER A 89 -29.25 2.13 7.78
N ILE A 90 -28.23 2.35 6.95
CA ILE A 90 -27.12 3.19 7.38
C ILE A 90 -27.59 4.69 7.36
N SER A 91 -28.60 5.01 6.53
CA SER A 91 -29.13 6.42 6.42
C SER A 91 -30.37 6.48 7.32
N LYS A 92 -30.44 7.49 8.14
CA LYS A 92 -31.71 7.84 8.88
C LYS A 92 -32.75 8.66 8.17
N GLN A 93 -32.43 9.02 6.92
CA GLN A 93 -33.30 9.89 6.13
C GLN A 93 -33.87 9.28 4.86
N LYS A 94 -33.25 8.22 4.39
CA LYS A 94 -33.92 7.34 3.41
C LYS A 94 -33.46 5.92 3.70
N GLN A 95 -33.94 4.97 2.96
CA GLN A 95 -33.65 3.64 3.27
C GLN A 95 -32.48 3.26 2.41
N VAL A 96 -31.38 2.92 3.07
CA VAL A 96 -30.15 2.55 2.45
C VAL A 96 -29.32 1.49 3.15
N PHE A 97 -28.99 0.47 2.42
CA PHE A 97 -28.43 -0.70 3.05
C PHE A 97 -27.10 -1.08 2.39
N LEU A 98 -26.02 -1.21 3.14
CA LEU A 98 -24.72 -1.60 2.57
C LEU A 98 -24.84 -2.87 1.76
N ARG A 99 -24.29 -2.84 0.56
CA ARG A 99 -24.18 -4.01 -0.26
C ARG A 99 -22.78 -4.09 -0.95
N ASP A 100 -22.22 -5.29 -1.13
CA ASP A 100 -21.03 -5.43 -1.96
C ASP A 100 -21.20 -6.47 -3.03
N PRO B 2 -16.07 19.50 5.76
CA PRO B 2 -17.14 18.87 4.97
C PRO B 2 -18.12 18.17 5.85
N ASP B 3 -19.41 18.12 5.51
CA ASP B 3 -20.42 17.45 6.42
C ASP B 3 -20.36 15.96 6.40
N GLU B 5 -23.25 12.75 7.67
CA GLU B 5 -24.63 12.58 7.91
C GLU B 5 -24.95 12.18 9.32
N ASN B 6 -23.96 11.80 10.21
CA ASN B 6 -24.21 11.25 11.57
C ASN B 6 -23.53 12.09 12.60
N LEU B 7 -23.08 13.23 12.15
CA LEU B 7 -22.55 14.22 13.02
C LEU B 7 -23.38 15.34 12.62
N ASP C 5 3.37 -14.05 1.17
CA ASP C 5 2.26 -15.08 1.51
C ASP C 5 0.84 -14.43 1.57
N ILE C 6 0.46 -14.03 0.38
CA ILE C 6 0.39 -12.65 -0.02
C ILE C 6 1.26 -11.67 0.79
N GLU C 7 1.48 -11.78 2.12
CA GLU C 7 2.24 -10.69 2.71
C GLU C 7 3.69 -10.56 2.14
N PHE C 8 4.06 -9.34 1.68
CA PHE C 8 5.49 -9.03 1.19
C PHE C 8 6.43 -9.28 2.38
N PRO C 9 7.66 -9.71 2.11
CA PRO C 9 8.71 -9.66 3.14
C PRO C 9 8.91 -8.20 3.67
N GLU C 10 9.50 -8.11 4.83
CA GLU C 10 9.68 -6.87 5.58
C GLU C 10 10.62 -5.89 4.86
N TRP C 11 11.52 -6.40 4.04
CA TRP C 11 12.52 -5.69 3.25
C TRP C 11 12.09 -5.40 1.76
N PHE C 12 10.85 -5.79 1.39
CA PHE C 12 10.22 -5.44 0.12
C PHE C 12 9.41 -4.19 0.29
N HIS C 13 9.96 -3.11 -0.30
CA HIS C 13 9.32 -1.76 -0.28
C HIS C 13 8.94 -1.27 -1.70
N GLU C 14 7.79 -1.64 -2.14
CA GLU C 14 7.51 -1.45 -3.56
C GLU C 14 7.79 -0.02 -4.07
N GLY C 15 7.43 1.05 -3.37
CA GLY C 15 7.51 2.42 -3.94
C GLY C 15 8.79 3.22 -3.50
N LEU C 16 9.77 2.59 -2.90
CA LEU C 16 10.93 3.33 -2.40
C LEU C 16 11.95 3.67 -3.50
N SER C 17 12.45 4.91 -3.51
CA SER C 17 13.29 5.44 -4.51
C SER C 17 14.63 4.86 -4.42
N ARG C 18 15.37 5.02 -5.47
CA ARG C 18 16.82 4.65 -5.38
C ARG C 18 17.49 5.39 -4.23
N HIS C 19 17.06 6.61 -4.07
CA HIS C 19 17.81 7.56 -3.30
C HIS C 19 17.31 7.34 -1.99
N GLN C 20 16.03 7.04 -1.85
CA GLN C 20 15.61 6.71 -0.42
C GLN C 20 16.25 5.33 -0.08
N ALA C 21 16.34 4.39 -0.98
CA ALA C 21 17.08 3.13 -0.57
C ALA C 21 18.52 3.27 -0.10
N GLU C 22 19.34 4.10 -0.73
CA GLU C 22 20.62 4.49 -0.11
C GLU C 22 20.73 5.11 1.28
N ASN C 23 19.96 6.22 1.49
CA ASN C 23 19.78 6.83 2.79
C ASN C 23 19.45 5.78 3.81
N LEU C 24 18.54 4.88 3.47
CA LEU C 24 18.00 3.90 4.46
C LEU C 24 19.08 2.96 4.83
N LEU C 25 19.67 2.37 3.80
CA LEU C 25 20.61 1.28 4.08
C LEU C 25 21.97 1.79 4.53
N MET C 26 22.30 3.02 4.17
CA MET C 26 23.46 3.70 4.95
C MET C 26 23.34 3.58 6.47
N GLY C 27 22.12 3.46 7.00
CA GLY C 27 21.86 3.30 8.44
C GLY C 27 21.95 1.84 8.90
N LYS C 28 22.23 0.89 8.02
CA LYS C 28 22.39 -0.54 8.33
C LYS C 28 23.80 -1.04 8.01
N ASP C 29 24.04 -2.27 8.40
CA ASP C 29 25.31 -2.97 8.34
C ASP C 29 25.46 -3.56 6.88
N ILE C 30 26.69 -3.91 6.47
CA ILE C 30 26.99 -4.59 5.23
C ILE C 30 26.08 -5.83 5.07
N GLY C 31 25.48 -5.98 3.88
CA GLY C 31 24.67 -7.11 3.44
C GLY C 31 23.19 -6.82 3.69
N PHE C 32 22.88 -5.87 4.63
CA PHE C 32 21.58 -5.38 4.67
C PHE C 32 21.05 -4.88 3.31
N PHE C 33 19.77 -5.16 3.05
CA PHE C 33 19.26 -4.88 1.67
C PHE C 33 17.75 -4.55 1.61
N ILE C 34 17.33 -3.94 0.51
CA ILE C 34 15.87 -3.85 0.20
C ILE C 34 15.59 -4.18 -1.31
N ILE C 35 14.45 -4.71 -1.56
CA ILE C 35 13.89 -4.74 -2.95
C ILE C 35 12.82 -3.67 -3.19
N ARG C 36 12.90 -2.95 -4.34
CA ARG C 36 11.93 -1.93 -4.62
C ARG C 36 11.59 -2.14 -6.11
N ALA C 37 10.46 -1.60 -6.54
CA ALA C 37 10.28 -1.53 -7.98
C ALA C 37 11.25 -0.42 -8.51
N SER C 38 11.81 -0.70 -9.63
CA SER C 38 12.82 0.20 -10.31
C SER C 38 12.16 1.55 -10.65
N GLN C 39 12.93 2.60 -10.42
CA GLN C 39 12.46 3.94 -10.66
C GLN C 39 12.82 4.36 -12.09
N SER C 40 14.00 3.99 -12.50
CA SER C 40 14.41 4.26 -13.91
C SER C 40 13.94 3.40 -15.02
N SER C 41 13.46 2.20 -14.78
CA SER C 41 12.90 1.36 -15.82
C SER C 41 11.65 0.83 -15.32
N PRO C 42 10.53 1.54 -15.63
CA PRO C 42 9.23 1.16 -15.07
C PRO C 42 8.86 -0.29 -15.46
N GLY C 43 8.46 -1.02 -14.48
CA GLY C 43 8.19 -2.44 -14.62
C GLY C 43 9.31 -3.37 -14.17
N ASP C 44 10.49 -2.80 -13.91
CA ASP C 44 11.63 -3.59 -13.33
C ASP C 44 11.56 -3.50 -11.84
N PHE C 45 12.27 -4.47 -11.29
CA PHE C 45 12.77 -4.44 -9.95
C PHE C 45 14.23 -4.33 -9.77
N SER C 46 14.57 -3.79 -8.59
CA SER C 46 15.84 -3.43 -8.16
C SER C 46 16.16 -3.96 -6.72
N ILE C 47 17.30 -4.50 -6.49
CA ILE C 47 17.74 -4.89 -5.16
C ILE C 47 18.81 -3.87 -4.85
N SER C 48 18.77 -3.25 -3.65
CA SER C 48 19.76 -2.23 -3.22
C SER C 48 20.43 -2.83 -1.99
N VAL C 49 21.76 -2.75 -1.94
CA VAL C 49 22.50 -3.55 -0.94
C VAL C 49 23.56 -2.69 -0.20
N ARG C 50 23.58 -2.71 1.12
CA ARG C 50 24.76 -2.02 1.84
C ARG C 50 26.11 -2.75 1.55
N HIS C 51 27.12 -1.99 1.11
CA HIS C 51 28.41 -2.51 0.77
C HIS C 51 29.21 -1.75 1.87
N GLU C 52 30.53 -1.84 1.81
CA GLU C 52 31.41 -1.28 2.90
C GLU C 52 31.09 0.18 3.28
N ASP C 53 31.25 1.05 2.28
CA ASP C 53 31.25 2.46 2.40
C ASP C 53 30.11 3.09 1.56
N ASP C 54 29.26 2.25 0.99
CA ASP C 54 28.31 2.70 -0.07
C ASP C 54 27.06 1.76 -0.13
N VAL C 55 26.08 2.12 -0.96
CA VAL C 55 24.95 1.26 -1.29
C VAL C 55 24.95 1.07 -2.82
N GLN C 56 24.93 -0.14 -3.28
CA GLN C 56 24.96 -0.47 -4.72
C GLN C 56 23.63 -1.13 -5.01
N HIS C 57 23.26 -1.13 -6.30
CA HIS C 57 22.03 -1.53 -6.87
C HIS C 57 22.18 -2.57 -7.96
N PHE C 58 21.28 -3.57 -7.93
CA PHE C 58 21.32 -4.72 -8.80
C PHE C 58 19.95 -4.81 -9.51
N LYS C 59 19.99 -4.88 -10.81
CA LYS C 59 18.81 -5.12 -11.56
C LYS C 59 18.29 -6.58 -11.59
N VAL C 60 17.03 -6.77 -11.38
CA VAL C 60 16.48 -8.12 -11.28
C VAL C 60 16.05 -8.49 -12.71
N MET C 61 16.76 -9.42 -13.33
CA MET C 61 16.53 -9.83 -14.69
C MET C 61 15.56 -11.03 -14.71
N ARG C 62 14.94 -11.32 -15.84
CA ARG C 62 13.82 -12.21 -15.96
C ARG C 62 13.84 -12.84 -17.29
N ASP C 63 13.27 -14.04 -17.37
CA ASP C 63 13.20 -14.83 -18.62
C ASP C 63 11.70 -15.12 -18.92
N THR C 64 11.38 -15.54 -20.15
CA THR C 64 9.99 -15.81 -20.54
C THR C 64 9.40 -16.88 -19.70
N LYS C 65 10.26 -17.80 -19.22
CA LYS C 65 9.78 -18.76 -18.23
C LYS C 65 9.43 -18.10 -16.90
N GLY C 66 9.93 -16.89 -16.65
CA GLY C 66 9.54 -16.16 -15.44
C GLY C 66 10.59 -16.42 -14.36
N ASN C 67 11.70 -17.09 -14.68
CA ASN C 67 12.86 -17.06 -13.75
C ASN C 67 13.34 -15.72 -13.32
N TYR C 68 13.90 -15.67 -12.10
CA TYR C 68 14.57 -14.52 -11.54
C TYR C 68 16.05 -14.72 -11.63
N PHE C 69 16.88 -13.79 -12.17
CA PHE C 69 18.38 -13.95 -11.94
C PHE C 69 19.10 -12.60 -11.77
N LEU C 70 20.27 -12.57 -11.20
CA LEU C 70 21.13 -11.31 -11.14
C LEU C 70 22.26 -11.47 -12.12
N TRP C 71 22.69 -12.74 -12.27
CA TRP C 71 24.03 -12.98 -12.89
C TRP C 71 23.87 -14.22 -13.72
N THR C 72 24.13 -15.41 -13.21
CA THR C 72 24.00 -16.65 -14.03
C THR C 72 22.84 -17.57 -13.58
N GLU C 73 22.95 -17.98 -12.36
CA GLU C 73 21.97 -18.77 -11.68
C GLU C 73 20.56 -18.18 -11.61
N LYS C 74 19.57 -18.99 -12.00
CA LYS C 74 18.20 -18.65 -12.15
C LYS C 74 17.45 -19.29 -10.95
N PHE C 75 16.35 -18.66 -10.54
CA PHE C 75 15.45 -19.08 -9.46
C PHE C 75 13.95 -18.86 -9.84
N PRO C 76 13.02 -19.71 -9.40
CA PRO C 76 11.61 -19.57 -9.71
C PRO C 76 10.88 -18.51 -8.96
N SER C 77 11.51 -18.01 -7.95
CA SER C 77 11.08 -16.86 -7.21
C SER C 77 12.18 -15.93 -6.78
N LEU C 78 11.70 -14.73 -6.45
CA LEU C 78 12.44 -13.67 -5.84
C LEU C 78 12.95 -14.05 -4.48
N ASN C 79 12.13 -14.74 -3.68
CA ASN C 79 12.64 -15.26 -2.41
C ASN C 79 13.84 -16.23 -2.46
N LYS C 80 13.81 -17.12 -3.44
CA LYS C 80 14.79 -18.15 -3.54
C LYS C 80 16.07 -17.49 -4.10
N LEU C 81 15.86 -16.47 -4.94
CA LEU C 81 16.94 -15.52 -5.32
C LEU C 81 17.64 -14.87 -4.11
N VAL C 82 16.90 -14.19 -3.22
CA VAL C 82 17.45 -13.69 -1.98
C VAL C 82 18.32 -14.73 -1.20
N ASP C 83 17.68 -15.86 -0.96
CA ASP C 83 18.27 -16.88 -0.15
C ASP C 83 19.50 -17.44 -0.75
N TYR C 84 19.59 -17.51 -2.06
CA TYR C 84 20.89 -17.93 -2.63
C TYR C 84 22.03 -16.96 -2.40
N TYR C 85 21.69 -15.68 -2.42
CA TYR C 85 22.73 -14.65 -2.19
C TYR C 85 22.99 -14.35 -0.73
N ARG C 86 22.41 -15.15 0.16
CA ARG C 86 22.89 -15.22 1.52
C ARG C 86 24.24 -15.98 1.64
N THR C 87 24.55 -16.92 0.74
CA THR C 87 25.77 -17.71 0.84
C THR C 87 26.65 -17.67 -0.39
N THR C 88 26.21 -17.02 -1.44
CA THR C 88 27.03 -16.71 -2.54
C THR C 88 27.03 -15.25 -2.56
N SER C 89 28.20 -14.68 -2.81
CA SER C 89 28.30 -13.19 -2.93
C SER C 89 27.46 -12.53 -3.98
N ILE C 90 26.75 -11.47 -3.54
CA ILE C 90 25.89 -10.78 -4.41
C ILE C 90 26.73 -9.92 -5.39
N SER C 91 27.84 -9.48 -4.91
CA SER C 91 28.68 -8.63 -5.79
C SER C 91 29.93 -9.43 -6.24
N LYS C 92 30.31 -9.20 -7.48
CA LYS C 92 31.39 -9.86 -8.18
C LYS C 92 32.76 -9.16 -7.95
N GLN C 93 32.71 -7.95 -7.37
CA GLN C 93 33.85 -7.05 -7.14
C GLN C 93 34.33 -7.07 -5.66
N LYS C 94 33.37 -7.06 -4.77
CA LYS C 94 33.68 -7.26 -3.38
C LYS C 94 32.82 -8.42 -2.82
N GLN C 95 33.24 -9.00 -1.71
CA GLN C 95 32.52 -10.10 -1.10
C GLN C 95 31.43 -9.43 -0.27
N VAL C 96 30.23 -9.39 -0.83
CA VAL C 96 29.08 -9.06 -0.07
C VAL C 96 27.94 -10.14 -0.10
N PHE C 97 27.40 -10.47 1.07
CA PHE C 97 26.34 -11.51 1.27
C PHE C 97 25.07 -11.02 1.93
N LEU C 98 23.90 -11.36 1.46
CA LEU C 98 22.67 -10.60 1.96
C LEU C 98 22.34 -11.04 3.40
N ARG C 99 21.89 -10.13 4.30
CA ARG C 99 21.51 -10.45 5.65
C ARG C 99 20.26 -9.72 5.96
N ASP C 100 19.34 -10.30 6.76
CA ASP C 100 18.23 -9.57 7.36
C ASP C 100 18.09 -9.85 8.86
N PRO D 2 20.80 5.56 -14.42
CA PRO D 2 21.57 5.33 -13.24
C PRO D 2 22.21 3.94 -13.43
N ASP D 3 23.37 3.68 -12.87
CA ASP D 3 24.10 2.42 -13.19
C ASP D 3 23.68 1.31 -12.23
N GLU D 5 25.10 -2.79 -10.88
CA GLU D 5 26.32 -3.56 -10.79
C GLU D 5 26.41 -4.73 -11.77
N ASN D 6 25.25 -5.35 -12.06
CA ASN D 6 25.09 -6.46 -13.01
C ASN D 6 24.73 -6.11 -14.48
N LEU D 7 24.65 -4.83 -14.86
CA LEU D 7 24.24 -4.42 -16.22
C LEU D 7 25.19 -3.43 -16.85
N SER E 2 2.65 15.09 9.52
CA SER E 2 1.83 16.05 8.68
C SER E 2 0.43 16.12 9.33
N PHE E 3 -0.65 16.53 8.62
CA PHE E 3 -2.08 16.21 8.97
C PHE E 3 -3.18 16.77 7.85
N ILE E 4 -4.37 17.41 8.10
CA ILE E 4 -5.48 17.57 7.09
C ILE E 4 -5.33 17.27 5.56
N ASP E 5 -4.92 18.19 4.70
CA ASP E 5 -4.29 19.41 5.08
C ASP E 5 -4.00 20.34 3.89
N ILE E 6 -3.88 19.90 2.66
CA ILE E 6 -3.71 18.55 2.13
C ILE E 6 -2.43 18.11 2.57
N GLU E 7 -2.21 17.56 3.76
CA GLU E 7 -1.15 16.54 3.83
C GLU E 7 -1.75 15.09 3.67
N PHE E 8 -3.06 14.95 3.52
CA PHE E 8 -3.64 13.56 3.44
C PHE E 8 -3.50 13.16 1.99
N PRO E 9 -3.15 11.90 1.67
CA PRO E 9 -2.94 10.79 2.59
C PRO E 9 -1.42 10.61 2.87
N GLU E 10 -0.68 11.64 2.48
CA GLU E 10 0.79 11.65 2.64
C GLU E 10 1.35 11.52 4.04
N TRP E 11 0.63 12.05 5.03
CA TRP E 11 1.11 12.05 6.39
C TRP E 11 1.29 10.61 6.95
N PHE E 12 0.61 9.64 6.30
CA PHE E 12 0.81 8.21 6.65
C PHE E 12 1.39 7.51 5.44
N HIS E 13 1.94 6.31 5.72
CA HIS E 13 2.60 5.47 4.78
C HIS E 13 1.53 4.45 4.45
N GLU E 14 0.76 4.81 3.47
CA GLU E 14 -0.05 3.82 2.71
C GLU E 14 0.58 2.50 2.43
N GLY E 15 -0.07 1.44 2.92
CA GLY E 15 0.33 0.09 2.48
C GLY E 15 1.43 -0.52 3.24
N LEU E 16 1.74 0.07 4.29
CA LEU E 16 2.87 -0.35 5.04
C LEU E 16 2.46 -1.29 6.12
N SER E 17 3.19 -2.40 6.29
CA SER E 17 2.84 -3.40 7.29
C SER E 17 3.65 -3.01 8.43
N ARG E 18 3.33 -3.62 9.54
CA ARG E 18 4.07 -3.51 10.79
C ARG E 18 5.56 -3.91 10.66
N HIS E 19 5.78 -5.05 10.02
CA HIS E 19 7.13 -5.52 9.90
C HIS E 19 7.94 -4.66 8.85
N GLN E 20 7.30 -4.22 7.77
CA GLN E 20 7.92 -3.28 6.91
C GLN E 20 8.32 -1.97 7.59
N ALA E 21 7.43 -1.45 8.42
CA ALA E 21 7.77 -0.34 9.34
C ALA E 21 8.98 -0.54 10.24
N GLU E 22 9.11 -1.74 10.78
CA GLU E 22 10.26 -2.08 11.55
C GLU E 22 11.49 -2.03 10.64
N ASN E 23 11.38 -2.56 9.45
CA ASN E 23 12.50 -2.57 8.54
C ASN E 23 12.96 -1.20 8.19
N LEU E 24 12.00 -0.29 8.06
CA LEU E 24 12.37 1.02 7.56
C LEU E 24 13.08 1.77 8.69
N LEU E 25 12.52 1.66 9.89
CA LEU E 25 12.97 2.46 10.94
C LEU E 25 14.19 1.90 11.58
N MET E 26 14.52 0.64 11.28
CA MET E 26 15.81 0.08 11.85
C MET E 26 17.03 0.82 11.21
N GLY E 27 16.77 1.57 10.15
CA GLY E 27 17.82 2.34 9.55
C GLY E 27 17.95 3.75 10.05
N LYS E 28 17.17 4.10 11.11
CA LYS E 28 17.07 5.41 11.67
C LYS E 28 17.48 5.40 13.14
N ASP E 29 17.82 6.57 13.63
CA ASP E 29 18.05 6.86 15.07
C ASP E 29 16.74 6.87 15.90
N ILE E 30 16.92 6.63 17.21
CA ILE E 30 15.92 6.58 18.28
C ILE E 30 14.96 7.73 18.06
N GLY E 31 13.67 7.49 18.26
CA GLY E 31 12.71 8.48 18.00
C GLY E 31 12.03 8.60 16.67
N PHE E 32 12.71 8.33 15.57
CA PHE E 32 12.11 8.40 14.28
C PHE E 32 10.86 7.50 14.24
N PHE E 33 9.82 7.98 13.54
CA PHE E 33 8.55 7.34 13.55
C PHE E 33 7.86 7.43 12.24
N ILE E 34 6.92 6.51 12.07
CA ILE E 34 6.06 6.35 10.95
C ILE E 34 4.73 6.11 11.56
N ILE E 35 3.74 6.85 11.06
CA ILE E 35 2.38 6.56 11.14
C ILE E 35 1.77 5.64 10.02
N ARG E 36 0.99 4.60 10.38
CA ARG E 36 0.36 3.69 9.38
C ARG E 36 -1.05 3.12 9.82
N ALA E 37 -1.91 2.81 8.82
CA ALA E 37 -3.22 2.31 9.04
C ALA E 37 -3.04 0.91 9.44
N SER E 38 -3.40 0.53 10.64
CA SER E 38 -3.26 -0.87 11.01
C SER E 38 -3.89 -1.89 10.07
N GLN E 39 -3.10 -2.95 9.71
CA GLN E 39 -3.76 -4.09 9.00
C GLN E 39 -4.44 -5.11 9.99
N SER E 40 -3.93 -5.25 11.20
CA SER E 40 -4.51 -6.18 12.18
C SER E 40 -5.87 -5.69 12.70
N SER E 41 -6.02 -4.35 12.94
CA SER E 41 -7.28 -3.73 13.30
C SER E 41 -7.77 -2.66 12.28
N PRO E 42 -8.45 -3.08 11.24
CA PRO E 42 -8.90 -2.11 10.21
C PRO E 42 -9.68 -1.00 10.85
N GLY E 43 -9.28 0.23 10.65
CA GLY E 43 -9.93 1.37 11.34
C GLY E 43 -9.14 2.02 12.49
N ASP E 44 -7.94 1.51 12.73
CA ASP E 44 -7.01 2.00 13.71
C ASP E 44 -5.77 2.54 13.01
N PHE E 45 -5.18 3.48 13.66
CA PHE E 45 -3.81 3.97 13.35
C PHE E 45 -2.77 3.43 14.37
N SER E 46 -1.65 2.97 13.82
CA SER E 46 -0.45 2.66 14.61
C SER E 46 0.63 3.62 14.36
N ILE E 47 1.35 3.94 15.40
CA ILE E 47 2.56 4.65 15.35
C ILE E 47 3.72 3.67 15.65
N SER E 48 4.57 3.48 14.69
CA SER E 48 5.83 2.75 14.91
C SER E 48 7.03 3.68 15.16
N VAL E 49 7.80 3.32 16.18
CA VAL E 49 8.87 4.14 16.67
C VAL E 49 10.24 3.41 16.87
N ARG E 50 11.31 3.97 16.33
CA ARG E 50 12.65 3.48 16.58
C ARG E 50 12.99 3.71 18.02
N HIS E 51 13.40 2.68 18.69
CA HIS E 51 13.85 2.68 20.08
C HIS E 51 15.32 2.28 19.93
N GLU E 52 16.02 1.92 20.99
CA GLU E 52 17.47 1.92 20.91
C GLU E 52 17.88 0.70 20.24
N ASP E 53 17.28 -0.41 20.59
CA ASP E 53 17.64 -1.68 19.88
C ASP E 53 16.68 -2.32 18.84
N ASP E 54 15.52 -1.78 18.72
CA ASP E 54 14.34 -2.44 18.02
C ASP E 54 13.27 -1.34 17.78
N VAL E 55 12.19 -1.60 17.07
CA VAL E 55 11.10 -0.66 16.73
C VAL E 55 9.91 -1.14 17.56
N GLN E 56 9.19 -0.24 18.24
CA GLN E 56 8.09 -0.66 19.06
C GLN E 56 6.90 0.08 18.57
N HIS E 57 5.70 -0.41 18.90
CA HIS E 57 4.50 0.20 18.31
C HIS E 57 3.43 0.64 19.28
N PHE E 58 2.62 1.66 18.91
CA PHE E 58 1.69 2.36 19.84
C PHE E 58 0.40 2.42 19.14
N LYS E 59 -0.69 2.01 19.84
CA LYS E 59 -2.02 2.09 19.23
C LYS E 59 -2.66 3.47 19.57
N VAL E 60 -3.08 4.17 18.55
CA VAL E 60 -3.74 5.48 18.71
C VAL E 60 -5.18 5.13 19.24
N MET E 61 -5.48 5.59 20.41
CA MET E 61 -6.75 5.35 21.02
C MET E 61 -7.58 6.58 20.83
N ARG E 62 -8.88 6.33 20.96
CA ARG E 62 -9.88 7.33 20.75
C ARG E 62 -10.97 7.30 21.83
N ASP E 63 -11.74 8.33 21.89
CA ASP E 63 -12.89 8.27 22.80
C ASP E 63 -14.10 8.97 22.18
N THR E 64 -15.27 8.86 22.78
CA THR E 64 -16.47 9.35 22.09
C THR E 64 -16.53 10.82 21.86
N LYS E 65 -15.78 11.61 22.64
CA LYS E 65 -15.72 13.04 22.30
C LYS E 65 -14.79 13.34 21.12
N GLY E 66 -14.23 12.31 20.54
CA GLY E 66 -13.28 12.40 19.50
C GLY E 66 -11.83 12.76 19.79
N ASN E 67 -11.40 12.66 21.06
CA ASN E 67 -10.01 12.87 21.35
C ASN E 67 -9.06 11.75 20.85
N TYR E 68 -7.78 11.96 21.05
CA TYR E 68 -6.71 11.09 20.52
C TYR E 68 -5.88 10.93 21.74
N PHE E 69 -5.40 9.72 22.03
CA PHE E 69 -4.53 9.57 23.12
C PHE E 69 -3.74 8.27 22.97
N LEU E 70 -2.56 8.20 23.57
CA LEU E 70 -1.88 6.97 23.77
C LEU E 70 -1.90 6.37 25.16
N TRP E 71 -1.83 7.24 26.17
CA TRP E 71 -1.60 6.84 27.57
C TRP E 71 -2.66 7.49 28.36
N THR E 72 -2.32 8.55 29.12
CA THR E 72 -3.26 9.34 29.92
C THR E 72 -3.67 10.64 29.24
N GLU E 73 -2.71 11.37 28.71
CA GLU E 73 -3.03 12.67 28.19
C GLU E 73 -3.86 12.70 26.93
N LYS E 74 -4.87 13.53 26.91
CA LYS E 74 -5.67 13.68 25.69
C LYS E 74 -5.51 14.95 24.78
N PHE E 75 -5.74 14.74 23.46
CA PHE E 75 -5.51 15.71 22.39
C PHE E 75 -6.71 15.80 21.47
N PRO E 76 -7.09 16.98 20.99
CA PRO E 76 -8.22 17.16 20.08
C PRO E 76 -7.82 16.87 18.65
N SER E 77 -6.53 16.62 18.40
CA SER E 77 -6.09 16.29 17.04
C SER E 77 -4.91 15.33 17.15
N LEU E 78 -4.67 14.64 16.02
CA LEU E 78 -3.62 13.63 15.95
C LEU E 78 -2.28 14.44 15.88
N ASN E 79 -2.31 15.56 15.15
CA ASN E 79 -1.09 16.39 15.02
C ASN E 79 -0.58 16.92 16.38
N LYS E 80 -1.54 17.34 17.19
CA LYS E 80 -1.23 17.79 18.58
C LYS E 80 -0.67 16.62 19.44
N LEU E 81 -1.21 15.41 19.32
CA LEU E 81 -0.66 14.23 19.97
C LEU E 81 0.78 13.97 19.50
N VAL E 82 1.03 14.01 18.20
CA VAL E 82 2.38 13.83 17.64
C VAL E 82 3.29 14.89 18.28
N ASP E 83 2.83 16.13 18.32
CA ASP E 83 3.71 17.26 18.80
C ASP E 83 4.07 17.10 20.30
N TYR E 84 3.11 16.60 21.12
CA TYR E 84 3.38 16.45 22.49
C TYR E 84 4.45 15.40 22.75
N TYR E 85 4.50 14.35 21.90
CA TYR E 85 5.51 13.29 22.04
C TYR E 85 6.83 13.59 21.34
N ARG E 86 6.97 14.80 20.76
CA ARG E 86 8.31 15.32 20.35
C ARG E 86 9.18 15.85 21.52
N THR E 87 8.58 16.17 22.63
CA THR E 87 9.20 16.91 23.79
C THR E 87 8.93 16.30 25.14
N THR E 88 7.98 15.35 25.20
CA THR E 88 7.82 14.42 26.27
C THR E 88 8.00 13.01 25.76
N SER E 89 8.48 12.06 26.61
CA SER E 89 8.65 10.69 26.14
C SER E 89 7.33 9.92 25.79
N ILE E 90 7.39 9.26 24.63
CA ILE E 90 6.28 8.43 24.21
C ILE E 90 6.46 7.06 24.89
N SER E 91 7.67 6.81 25.40
CA SER E 91 8.01 5.55 26.04
C SER E 91 7.92 5.68 27.50
N LYS E 92 7.38 4.64 28.13
CA LYS E 92 7.31 4.61 29.58
C LYS E 92 8.40 3.72 30.25
N GLN E 93 9.22 3.05 29.44
CA GLN E 93 10.35 2.25 29.88
C GLN E 93 11.64 3.02 29.66
N LYS E 94 11.70 3.83 28.59
CA LYS E 94 12.90 4.63 28.27
C LYS E 94 12.51 6.10 27.90
N GLN E 95 13.48 6.94 27.58
CA GLN E 95 13.21 8.26 27.07
C GLN E 95 13.39 8.29 25.54
N VAL E 96 12.26 8.45 24.88
CA VAL E 96 12.19 8.33 23.41
C VAL E 96 11.15 9.41 22.96
N PHE E 97 11.67 10.36 22.16
CA PHE E 97 10.94 11.53 21.66
C PHE E 97 10.83 11.34 20.19
N LEU E 98 9.64 11.56 19.68
CA LEU E 98 9.43 11.44 18.24
C LEU E 98 10.35 12.41 17.49
N ARG E 99 10.89 11.95 16.35
CA ARG E 99 11.79 12.72 15.53
C ARG E 99 11.29 12.37 14.15
N ASP E 100 11.30 13.30 13.21
CA ASP E 100 10.86 12.96 11.88
C ASP E 100 11.49 13.80 10.84
N PRO F 2 -1.01 -8.77 17.92
CA PRO F 2 0.30 -8.15 17.94
C PRO F 2 0.40 -7.29 19.16
N ASP F 3 1.60 -7.00 19.60
CA ASP F 3 1.64 -6.26 20.85
C ASP F 3 1.94 -4.78 20.56
N GLU F 5 2.89 -1.39 22.89
CA GLU F 5 3.35 -0.91 24.18
C GLU F 5 2.33 -0.26 25.14
N ASN F 6 1.30 0.40 24.64
CA ASN F 6 0.30 1.13 25.44
C ASN F 6 -1.04 0.40 25.61
N LEU F 7 -1.06 -0.92 25.51
CA LEU F 7 -2.34 -1.64 25.51
C LEU F 7 -2.69 -2.51 26.80
N GLY G 1 -0.27 3.59 -16.13
CA GLY G 1 0.04 3.62 -17.59
C GLY G 1 1.51 3.73 -18.05
N SER G 2 2.50 3.41 -17.23
CA SER G 2 3.78 4.19 -17.17
C SER G 2 3.55 5.63 -17.51
N PHE G 3 3.04 6.42 -16.56
CA PHE G 3 1.76 7.10 -16.76
C PHE G 3 1.47 7.93 -18.08
N ILE G 4 2.55 8.27 -18.83
CA ILE G 4 2.64 9.41 -19.76
C ILE G 4 1.92 10.63 -19.17
N ASP G 5 1.73 10.53 -17.85
CA ASP G 5 1.16 11.53 -16.96
C ASP G 5 1.01 10.93 -15.56
N ILE G 6 2.12 10.59 -14.84
CA ILE G 6 3.56 10.56 -15.36
C ILE G 6 4.70 9.64 -14.86
N GLU G 7 5.04 9.65 -13.57
CA GLU G 7 6.37 9.15 -13.07
C GLU G 7 6.35 8.43 -11.65
N PHE G 8 7.50 7.95 -11.26
CA PHE G 8 7.52 6.79 -10.32
C PHE G 8 7.39 7.34 -8.88
N PRO G 9 6.67 6.71 -7.94
CA PRO G 9 5.99 5.45 -8.09
C PRO G 9 4.48 5.68 -8.44
N GLU G 10 4.10 6.86 -8.90
CA GLU G 10 2.69 7.19 -8.99
C GLU G 10 2.05 6.43 -10.15
N TRP G 11 2.86 5.91 -11.08
CA TRP G 11 2.31 5.23 -12.26
C TRP G 11 1.67 3.85 -11.94
N PHE G 12 1.85 3.43 -10.72
CA PHE G 12 1.24 2.19 -10.24
C PHE G 12 0.66 2.51 -8.94
N HIS G 13 -0.36 1.78 -8.53
CA HIS G 13 -1.09 2.09 -7.31
C HIS G 13 -0.37 1.33 -6.22
N GLU G 14 0.39 2.05 -5.40
CA GLU G 14 1.10 1.37 -4.35
C GLU G 14 0.13 0.66 -3.40
N GLY G 15 0.36 -0.60 -3.02
CA GLY G 15 -0.42 -1.16 -1.89
C GLY G 15 -1.75 -1.85 -2.24
N LEU G 16 -2.09 -1.82 -3.49
CA LEU G 16 -3.28 -2.38 -4.09
C LEU G 16 -3.16 -3.89 -4.36
N SER G 17 -4.16 -4.58 -3.85
CA SER G 17 -4.33 -5.97 -3.89
C SER G 17 -5.08 -6.11 -5.20
N ARG G 18 -5.15 -7.36 -5.68
CA ARG G 18 -5.93 -7.78 -6.83
C ARG G 18 -7.41 -7.48 -6.53
N HIS G 19 -7.93 -7.82 -5.34
CA HIS G 19 -9.35 -7.60 -5.08
C HIS G 19 -9.70 -6.09 -4.88
N GLN G 20 -8.85 -5.36 -4.22
CA GLN G 20 -9.04 -3.91 -4.20
C GLN G 20 -9.06 -3.30 -5.68
N ALA G 21 -8.10 -3.71 -6.53
CA ALA G 21 -8.20 -3.33 -7.92
C ALA G 21 -9.54 -3.62 -8.60
N GLU G 22 -10.09 -4.79 -8.37
CA GLU G 22 -11.36 -5.08 -8.93
C GLU G 22 -12.47 -4.16 -8.38
N ASN G 23 -12.45 -3.90 -7.09
CA ASN G 23 -13.43 -2.97 -6.44
C ASN G 23 -13.42 -1.57 -7.07
N LEU G 24 -12.19 -1.09 -7.37
CA LEU G 24 -12.03 0.27 -7.92
C LEU G 24 -12.51 0.37 -9.40
N LEU G 25 -12.19 -0.67 -10.16
CA LEU G 25 -12.45 -0.70 -11.57
C LEU G 25 -13.87 -1.05 -11.86
N MET G 26 -14.59 -1.69 -10.92
CA MET G 26 -16.02 -1.99 -11.16
C MET G 26 -16.93 -0.72 -11.35
N GLY G 27 -16.47 0.42 -10.84
CA GLY G 27 -17.14 1.66 -10.94
C GLY G 27 -16.68 2.45 -12.09
N LYS G 28 -15.92 1.81 -12.98
CA LYS G 28 -15.44 2.50 -14.15
C LYS G 28 -16.08 1.81 -15.37
N ASP G 29 -16.02 2.47 -16.48
CA ASP G 29 -16.31 1.91 -17.82
C ASP G 29 -15.24 0.94 -18.41
N ILE G 30 -15.65 0.11 -19.39
CA ILE G 30 -14.81 -0.90 -20.04
C ILE G 30 -13.50 -0.27 -20.53
N GLY G 31 -12.38 -0.91 -20.18
CA GLY G 31 -11.08 -0.56 -20.73
C GLY G 31 -10.27 0.18 -19.71
N PHE G 32 -10.89 0.63 -18.61
CA PHE G 32 -10.18 1.47 -17.69
C PHE G 32 -9.27 0.55 -16.94
N PHE G 33 -8.13 1.00 -16.44
CA PHE G 33 -7.12 0.01 -15.89
C PHE G 33 -6.31 0.57 -14.81
N ILE G 34 -5.68 -0.31 -14.07
CA ILE G 34 -4.71 -0.05 -13.02
C ILE G 34 -3.51 -1.03 -13.16
N ILE G 35 -2.26 -0.53 -13.03
CA ILE G 35 -1.13 -1.36 -12.90
C ILE G 35 -0.76 -1.34 -11.44
N ARG G 36 -0.41 -2.52 -10.89
CA ARG G 36 0.06 -2.75 -9.54
C ARG G 36 1.14 -3.93 -9.44
N ALA G 37 1.94 -3.83 -8.38
CA ALA G 37 2.95 -4.79 -7.96
C ALA G 37 2.16 -5.97 -7.53
N SER G 38 2.30 -7.10 -8.25
CA SER G 38 1.75 -8.32 -7.71
C SER G 38 2.22 -8.67 -6.32
N GLN G 39 1.22 -9.04 -5.53
CA GLN G 39 1.55 -9.53 -4.17
C GLN G 39 1.50 -11.13 -4.19
N SER G 40 0.83 -11.77 -5.14
CA SER G 40 0.97 -13.27 -5.31
C SER G 40 2.38 -13.85 -5.85
N SER G 41 3.05 -12.97 -6.65
CA SER G 41 4.37 -13.04 -7.25
C SER G 41 5.16 -11.75 -7.05
N PRO G 42 5.78 -11.55 -5.87
CA PRO G 42 6.65 -10.39 -5.69
C PRO G 42 7.65 -10.42 -6.82
N GLY G 43 7.78 -9.27 -7.47
CA GLY G 43 8.67 -9.20 -8.58
C GLY G 43 7.98 -9.07 -9.89
N ASP G 44 6.64 -9.20 -9.95
CA ASP G 44 5.89 -8.98 -11.16
C ASP G 44 5.00 -7.78 -11.00
N PHE G 45 4.46 -7.32 -12.16
CA PHE G 45 3.45 -6.33 -12.25
C PHE G 45 2.27 -6.94 -12.87
N SER G 46 1.12 -6.42 -12.51
CA SER G 46 -0.14 -6.94 -13.07
C SER G 46 -0.96 -5.77 -13.62
N ILE G 47 -1.69 -6.03 -14.67
CA ILE G 47 -2.57 -5.04 -15.21
C ILE G 47 -4.02 -5.53 -14.99
N SER G 48 -4.77 -4.75 -14.24
CA SER G 48 -6.18 -5.06 -14.01
C SER G 48 -6.99 -4.15 -14.86
N VAL G 49 -8.00 -4.71 -15.49
CA VAL G 49 -8.75 -4.01 -16.54
C VAL G 49 -10.23 -4.32 -16.48
N ARG G 50 -11.06 -3.27 -16.61
CA ARG G 50 -12.54 -3.38 -16.54
C ARG G 50 -13.03 -3.92 -17.88
N HIS G 51 -13.55 -5.10 -17.82
CA HIS G 51 -14.29 -5.69 -18.92
C HIS G 51 -15.80 -5.36 -18.80
N GLU G 52 -16.64 -5.90 -19.66
CA GLU G 52 -18.01 -5.51 -19.65
C GLU G 52 -18.75 -5.87 -18.35
N ASP G 53 -18.55 -7.05 -17.80
CA ASP G 53 -19.26 -7.33 -16.54
C ASP G 53 -18.39 -7.66 -15.34
N ASP G 54 -17.09 -7.86 -15.55
CA ASP G 54 -16.14 -8.04 -14.41
C ASP G 54 -14.81 -7.28 -14.71
N VAL G 55 -13.89 -7.33 -13.78
CA VAL G 55 -12.46 -6.92 -13.95
C VAL G 55 -11.54 -8.12 -14.27
N GLN G 56 -10.66 -8.04 -15.29
CA GLN G 56 -9.78 -9.15 -15.60
C GLN G 56 -8.38 -8.65 -15.47
N HIS G 57 -7.46 -9.60 -15.31
CA HIS G 57 -6.10 -9.28 -14.89
C HIS G 57 -5.08 -9.90 -15.85
N PHE G 58 -4.01 -9.17 -16.15
CA PHE G 58 -2.95 -9.64 -17.06
C PHE G 58 -1.63 -9.63 -16.46
N LYS G 59 -0.72 -10.60 -16.78
CA LYS G 59 0.56 -10.60 -16.10
C LYS G 59 1.51 -10.03 -17.12
N VAL G 60 2.25 -9.09 -16.70
CA VAL G 60 3.29 -8.49 -17.51
C VAL G 60 4.49 -9.46 -17.55
N MET G 61 4.82 -9.94 -18.75
CA MET G 61 5.79 -10.98 -18.99
C MET G 61 7.08 -10.27 -19.43
N ARG G 62 8.23 -10.81 -19.07
CA ARG G 62 9.52 -10.30 -19.46
C ARG G 62 10.44 -11.28 -20.14
N ASP G 63 11.46 -10.76 -20.82
CA ASP G 63 12.47 -11.61 -21.40
C ASP G 63 13.87 -11.19 -21.06
N THR G 64 14.86 -12.03 -21.36
CA THR G 64 16.23 -11.74 -20.97
C THR G 64 16.81 -10.54 -21.66
N LYS G 65 16.34 -10.20 -22.85
CA LYS G 65 16.75 -8.92 -23.40
C LYS G 65 16.06 -7.69 -22.77
N GLY G 66 15.20 -7.85 -21.74
CA GLY G 66 14.47 -6.69 -21.23
C GLY G 66 13.15 -6.25 -21.83
N ASN G 67 12.61 -7.07 -22.76
CA ASN G 67 11.34 -6.78 -23.28
C ASN G 67 10.14 -6.99 -22.30
N TYR G 68 9.04 -6.33 -22.64
CA TYR G 68 7.76 -6.41 -21.97
C TYR G 68 6.73 -6.89 -23.00
N PHE G 69 5.88 -7.83 -22.54
CA PHE G 69 4.81 -8.33 -23.36
C PHE G 69 3.68 -8.92 -22.48
N LEU G 70 2.51 -9.01 -23.05
CA LEU G 70 1.43 -9.84 -22.51
C LEU G 70 1.18 -11.02 -23.35
N TRP G 71 1.09 -10.77 -24.69
CA TRP G 71 0.88 -11.84 -25.67
C TRP G 71 2.09 -12.19 -26.56
N THR G 72 2.06 -11.95 -27.86
CA THR G 72 3.30 -12.27 -28.64
C THR G 72 4.19 -11.04 -28.95
N GLU G 73 3.55 -9.90 -29.12
CA GLU G 73 4.15 -8.65 -29.50
C GLU G 73 4.92 -8.05 -28.31
N LYS G 74 6.14 -7.71 -28.56
CA LYS G 74 7.02 -7.24 -27.47
C LYS G 74 7.41 -5.78 -27.65
N PHE G 75 7.64 -5.13 -26.49
CA PHE G 75 7.84 -3.74 -26.39
C PHE G 75 9.15 -3.63 -25.62
N PRO G 76 9.94 -2.63 -25.99
CA PRO G 76 11.09 -2.21 -25.15
C PRO G 76 10.82 -1.45 -23.87
N SER G 77 9.58 -1.02 -23.69
CA SER G 77 9.15 -0.30 -22.46
C SER G 77 7.74 -0.61 -22.08
N LEU G 78 7.44 -0.46 -20.81
CA LEU G 78 6.07 -0.61 -20.30
C LEU G 78 5.10 0.46 -20.82
N ASN G 79 5.53 1.70 -20.93
CA ASN G 79 4.62 2.73 -21.42
C ASN G 79 4.16 2.47 -22.90
N LYS G 80 5.06 1.93 -23.68
CA LYS G 80 4.82 1.58 -25.14
C LYS G 80 3.86 0.41 -25.25
N LEU G 81 4.09 -0.54 -24.35
CA LEU G 81 3.18 -1.67 -24.09
C LEU G 81 1.70 -1.18 -23.80
N VAL G 82 1.61 -0.26 -22.88
CA VAL G 82 0.33 0.40 -22.47
C VAL G 82 -0.25 1.12 -23.71
N ASP G 83 0.63 1.88 -24.37
CA ASP G 83 0.17 2.66 -25.51
C ASP G 83 -0.49 1.83 -26.61
N TYR G 84 0.16 0.71 -26.95
CA TYR G 84 -0.25 -0.21 -27.92
C TYR G 84 -1.66 -0.73 -27.60
N TYR G 85 -1.96 -1.02 -26.35
CA TYR G 85 -3.23 -1.64 -25.97
C TYR G 85 -4.31 -0.57 -25.78
N ARG G 86 -4.02 0.71 -26.04
CA ARG G 86 -5.10 1.76 -26.09
C ARG G 86 -5.89 1.70 -27.42
N THR G 87 -5.26 1.12 -28.44
CA THR G 87 -5.89 1.10 -29.79
C THR G 87 -5.89 -0.22 -30.46
N THR G 88 -5.28 -1.23 -29.86
CA THR G 88 -5.42 -2.65 -30.23
C THR G 88 -5.90 -3.35 -28.98
N SER G 89 -6.89 -4.24 -29.09
CA SER G 89 -7.49 -4.89 -27.89
C SER G 89 -6.52 -5.65 -27.04
N ILE G 90 -6.67 -5.52 -25.72
CA ILE G 90 -5.86 -6.30 -24.80
C ILE G 90 -6.55 -7.72 -24.58
N SER G 91 -7.82 -7.88 -24.91
CA SER G 91 -8.53 -9.13 -24.67
C SER G 91 -8.44 -9.85 -25.98
N LYS G 92 -8.22 -11.17 -25.92
CA LYS G 92 -8.36 -12.04 -27.10
C LYS G 92 -9.82 -12.57 -27.16
N GLN G 93 -10.59 -12.31 -26.10
CA GLN G 93 -11.99 -12.73 -26.02
C GLN G 93 -12.99 -11.70 -26.51
N LYS G 94 -12.81 -10.48 -26.13
CA LYS G 94 -13.68 -9.42 -26.71
C LYS G 94 -12.76 -8.25 -27.10
N GLN G 95 -13.34 -7.15 -27.49
CA GLN G 95 -12.68 -5.90 -27.77
C GLN G 95 -12.63 -4.96 -26.51
N VAL G 96 -11.47 -4.91 -25.89
CA VAL G 96 -11.28 -4.06 -24.67
C VAL G 96 -10.03 -3.22 -24.89
N PHE G 97 -10.20 -1.94 -25.04
CA PHE G 97 -9.07 -1.02 -25.22
C PHE G 97 -8.80 -0.22 -23.97
N LEU G 98 -7.56 -0.17 -23.58
CA LEU G 98 -7.20 0.54 -22.38
C LEU G 98 -7.52 2.08 -22.45
N ARG G 99 -7.86 2.70 -21.30
CA ARG G 99 -8.14 4.16 -21.27
C ARG G 99 -7.86 4.55 -19.84
N ASP G 100 -7.37 5.74 -19.65
CA ASP G 100 -7.13 6.20 -18.32
C ASP G 100 -7.66 7.62 -18.13
N PRO H 2 -3.93 -17.75 -8.70
CA PRO H 2 -4.86 -16.84 -9.41
C PRO H 2 -4.86 -16.82 -10.96
N ASP H 3 -5.99 -16.40 -11.51
CA ASP H 3 -6.25 -16.50 -12.97
C ASP H 3 -5.69 -15.32 -13.66
N GLU H 5 -5.42 -13.79 -17.57
CA GLU H 5 -5.96 -14.01 -18.90
C GLU H 5 -4.99 -14.42 -19.95
N ASN H 6 -3.75 -13.95 -19.85
CA ASN H 6 -2.77 -14.12 -20.96
C ASN H 6 -1.91 -15.24 -20.58
N LEU H 7 -2.44 -15.98 -19.62
CA LEU H 7 -1.85 -17.14 -19.12
C LEU H 7 -2.85 -18.34 -19.11
#